data_3E54
#
_entry.id   3E54
#
_cell.length_a   66.580
_cell.length_b   66.580
_cell.length_c   217.910
_cell.angle_alpha   90.00
_cell.angle_beta   90.00
_cell.angle_gamma   120.00
#
_symmetry.space_group_name_H-M   'P 61'
#
loop_
_entity.id
_entity.type
_entity.pdbx_description
1 polymer 'RRNA intron-encoded endonuclease'
2 polymer "DNA (5'-D(*DCP*DTP*DGP*DAP*DCP*DTP*DCP*DTP*DCP*DTP*DTP*DAP*DA)-3')"
3 polymer "DNA (5'-D(P*DGP*DGP*DTP*DAP*DGP*DCP*DCP*DAP*DA)-3')"
4 polymer "DNA (5'-D(*DTP*DTP*DGP*DGP*DCP*DTP*DAP*DCP*DCP*DTP*DTP*DAP*DA)-3')"
5 polymer "DNA (5'-D(P*DGP*DAP*DGP*DAP*DGP*DTP*DCP*DAP*DG)-3')"
6 non-polymer 'MAGNESIUM ION'
7 non-polymer ETHANOL
8 water water
#
loop_
_entity_poly.entity_id
_entity_poly.type
_entity_poly.pdbx_seq_one_letter_code
_entity_poly.pdbx_strand_id
1 'polypeptide(L)'
;MVHEEDFKEGYILGFIEAEGSFSVSIKFQRDVFGGVRLDPVFSITQKNREVLEAIKEHLGIGRIMEKAGQPNTYVYVVDN
FNELVKLINFLNKYADFMIVKKRQFLMFREIANGLVNGEHLHINGLKRLVKLAYELTKESEKGYRKYDLNHVLSIIDKWD
LGRNVSTSL
;
A,B
2 'polydeoxyribonucleotide' (DC)(DT)(DG)(DA)(DC)(DT)(DC)(DT)(DC)(DT)(DT)(DA)(DA) C
3 'polydeoxyribonucleotide' (DG)(DG)(DT)(DA)(DG)(DC)(DC)(DA)(DA) D
4 'polydeoxyribonucleotide' (DT)(DT)(DG)(DG)(DC)(DT)(DA)(DC)(DC)(DT)(DT)(DA)(DA) E
5 'polydeoxyribonucleotide' (DG)(DA)(DG)(DA)(DG)(DT)(DC)(DA)(DG) F
#
# COMPACT_ATOMS: atom_id res chain seq x y z
N GLU A 4 -19.16 -5.85 -11.20
CA GLU A 4 -18.22 -5.60 -12.32
C GLU A 4 -16.78 -5.95 -11.91
N GLU A 5 -16.12 -6.79 -12.70
CA GLU A 5 -14.74 -7.17 -12.39
C GLU A 5 -13.76 -6.12 -12.90
N ASP A 6 -14.27 -5.10 -13.58
CA ASP A 6 -13.41 -4.01 -14.06
C ASP A 6 -12.95 -3.41 -12.73
N PHE A 7 -13.89 -3.36 -11.80
CA PHE A 7 -13.67 -2.86 -10.46
C PHE A 7 -12.56 -3.71 -9.82
N LYS A 8 -12.60 -5.01 -10.08
CA LYS A 8 -11.61 -5.92 -9.54
C LYS A 8 -10.21 -5.63 -10.10
N GLU A 9 -10.14 -5.30 -11.38
CA GLU A 9 -8.86 -5.01 -11.99
C GLU A 9 -8.39 -3.63 -11.49
N GLY A 10 -9.34 -2.83 -11.02
CA GLY A 10 -9.00 -1.52 -10.50
C GLY A 10 -8.46 -1.71 -9.08
N TYR A 11 -8.87 -2.81 -8.46
CA TYR A 11 -8.44 -3.15 -7.12
C TYR A 11 -6.95 -3.46 -7.16
N ILE A 12 -6.58 -4.33 -8.10
CA ILE A 12 -5.20 -4.74 -8.28
C ILE A 12 -4.32 -3.56 -8.60
N LEU A 13 -4.61 -2.87 -9.70
CA LEU A 13 -3.81 -1.72 -10.10
C LEU A 13 -3.66 -0.74 -8.92
N GLY A 14 -4.75 -0.53 -8.19
CA GLY A 14 -4.68 0.37 -7.06
C GLY A 14 -3.74 -0.20 -6.00
N PHE A 15 -3.83 -1.51 -5.80
CA PHE A 15 -3.02 -2.21 -4.81
C PHE A 15 -1.56 -2.16 -5.22
N ILE A 16 -1.30 -2.29 -6.52
CA ILE A 16 0.08 -2.28 -6.99
C ILE A 16 0.72 -0.91 -6.83
N GLU A 17 -0.08 0.14 -7.02
CA GLU A 17 0.43 1.48 -6.87
C GLU A 17 0.88 1.73 -5.41
N ALA A 18 0.13 1.19 -4.47
CA ALA A 18 0.46 1.39 -3.06
C ALA A 18 1.62 0.57 -2.54
N GLU A 19 1.57 -0.74 -2.76
CA GLU A 19 2.58 -1.64 -2.23
C GLU A 19 3.20 -2.59 -3.25
N GLY A 20 3.12 -2.25 -4.53
CA GLY A 20 3.72 -3.12 -5.56
C GLY A 20 5.18 -2.77 -5.73
N SER A 21 5.97 -3.67 -6.33
CA SER A 21 7.39 -3.41 -6.50
C SER A 21 7.99 -3.82 -7.83
N PHE A 22 8.55 -2.84 -8.53
CA PHE A 22 9.21 -3.09 -9.81
C PHE A 22 10.71 -2.93 -9.58
N SER A 23 11.45 -4.03 -9.73
CA SER A 23 12.87 -4.00 -9.48
C SER A 23 13.70 -4.77 -10.49
N VAL A 24 14.90 -4.26 -10.76
CA VAL A 24 15.79 -4.92 -11.69
C VAL A 24 17.16 -4.97 -11.05
N SER A 25 17.50 -6.14 -10.51
CA SER A 25 18.78 -6.33 -9.84
C SER A 25 19.91 -6.53 -10.84
N ILE A 26 21.12 -6.30 -10.38
CA ILE A 26 22.30 -6.50 -11.19
C ILE A 26 23.08 -7.57 -10.44
N LYS A 27 23.37 -8.66 -11.14
CA LYS A 27 24.11 -9.74 -10.52
C LYS A 27 25.34 -10.01 -11.33
N PHE A 28 26.49 -9.97 -10.68
CA PHE A 28 27.75 -10.21 -11.35
C PHE A 28 28.00 -11.72 -11.49
N GLN A 29 27.92 -12.19 -12.72
CA GLN A 29 28.12 -13.60 -13.01
C GLN A 29 29.14 -13.68 -14.13
N ARG A 30 30.29 -14.29 -13.83
CA ARG A 30 31.39 -14.43 -14.77
C ARG A 30 31.09 -15.16 -16.08
N ASP A 31 30.17 -16.11 -16.06
CA ASP A 31 29.87 -16.88 -17.27
C ASP A 31 28.79 -16.26 -18.16
N VAL A 32 28.29 -15.09 -17.77
CA VAL A 32 27.26 -14.41 -18.53
C VAL A 32 27.89 -13.44 -19.53
N PHE A 33 27.16 -13.14 -20.60
CA PHE A 33 27.67 -12.22 -21.61
C PHE A 33 27.79 -10.83 -20.97
N GLY A 34 28.99 -10.27 -21.00
CA GLY A 34 29.22 -8.97 -20.42
C GLY A 34 29.65 -9.03 -18.96
N GLY A 35 29.57 -10.23 -18.36
CA GLY A 35 29.95 -10.41 -16.98
C GLY A 35 28.96 -9.79 -16.01
N VAL A 36 27.87 -9.29 -16.55
CA VAL A 36 26.84 -8.66 -15.76
C VAL A 36 25.47 -9.12 -16.18
N ARG A 37 24.64 -9.45 -15.18
CA ARG A 37 23.29 -9.90 -15.46
C ARG A 37 22.30 -8.91 -14.88
N LEU A 38 21.16 -8.76 -15.54
CA LEU A 38 20.11 -7.87 -15.07
C LEU A 38 18.95 -8.81 -14.75
N ASP A 39 18.43 -8.74 -13.54
CA ASP A 39 17.35 -9.63 -13.16
C ASP A 39 16.11 -8.89 -12.72
N PRO A 40 15.09 -8.84 -13.60
CA PRO A 40 13.81 -8.18 -13.37
C PRO A 40 12.94 -8.96 -12.40
N VAL A 41 12.32 -8.26 -11.46
CA VAL A 41 11.48 -8.90 -10.45
C VAL A 41 10.36 -7.98 -10.03
N PHE A 42 9.12 -8.42 -10.22
CA PHE A 42 7.97 -7.67 -9.78
C PHE A 42 7.47 -8.39 -8.54
N SER A 43 7.06 -7.65 -7.53
CA SER A 43 6.58 -8.31 -6.32
C SER A 43 5.73 -7.42 -5.44
N ILE A 44 4.93 -8.08 -4.60
CA ILE A 44 4.07 -7.41 -3.64
C ILE A 44 4.24 -8.16 -2.33
N THR A 45 4.59 -7.46 -1.27
CA THR A 45 4.74 -8.09 0.01
C THR A 45 3.45 -7.83 0.79
N GLN A 46 3.09 -8.73 1.68
CA GLN A 46 1.86 -8.58 2.47
C GLN A 46 1.79 -9.57 3.62
N LYS A 47 1.28 -9.11 4.76
CA LYS A 47 1.12 -9.97 5.92
C LYS A 47 -0.06 -10.92 5.63
N ASN A 48 -1.13 -10.34 5.12
CA ASN A 48 -2.34 -11.05 4.77
C ASN A 48 -2.12 -11.86 3.50
N ARG A 49 -1.80 -13.14 3.65
CA ARG A 49 -1.54 -14.00 2.50
C ARG A 49 -2.73 -14.04 1.56
N GLU A 50 -3.92 -13.89 2.15
CA GLU A 50 -5.16 -13.94 1.39
C GLU A 50 -5.12 -13.15 0.10
N VAL A 51 -5.01 -11.82 0.19
CA VAL A 51 -5.01 -10.96 -1.00
C VAL A 51 -3.98 -11.38 -2.06
N LEU A 52 -2.80 -11.79 -1.63
CA LEU A 52 -1.80 -12.23 -2.61
C LEU A 52 -2.36 -13.41 -3.38
N GLU A 53 -3.17 -14.23 -2.71
CA GLU A 53 -3.77 -15.41 -3.34
C GLU A 53 -4.74 -15.00 -4.44
N ALA A 54 -5.60 -14.03 -4.15
CA ALA A 54 -6.57 -13.56 -5.12
C ALA A 54 -5.83 -13.10 -6.36
N ILE A 55 -5.06 -12.01 -6.20
CA ILE A 55 -4.27 -11.45 -7.28
C ILE A 55 -3.57 -12.55 -8.07
N LYS A 56 -2.91 -13.46 -7.36
CA LYS A 56 -2.20 -14.55 -8.04
C LYS A 56 -3.18 -15.35 -8.89
N GLU A 57 -4.39 -15.51 -8.40
CA GLU A 57 -5.41 -16.26 -9.13
C GLU A 57 -6.07 -15.45 -10.23
N HIS A 58 -6.17 -14.13 -10.03
CA HIS A 58 -6.80 -13.30 -11.04
C HIS A 58 -5.87 -12.99 -12.20
N LEU A 59 -4.57 -13.20 -11.99
CA LEU A 59 -3.60 -12.94 -13.03
C LEU A 59 -3.08 -14.24 -13.60
N GLY A 60 -3.41 -15.34 -12.93
CA GLY A 60 -2.97 -16.63 -13.40
C GLY A 60 -1.48 -16.72 -13.59
N ILE A 61 -0.73 -15.94 -12.82
CA ILE A 61 0.73 -15.97 -12.91
C ILE A 61 1.35 -15.64 -11.56
N GLY A 62 2.64 -15.91 -11.45
CA GLY A 62 3.35 -15.62 -10.23
C GLY A 62 3.26 -16.70 -9.19
N ARG A 63 4.05 -16.55 -8.14
CA ARG A 63 4.08 -17.48 -7.04
C ARG A 63 4.04 -16.70 -5.73
N ILE A 64 3.81 -17.41 -4.62
CA ILE A 64 3.76 -16.81 -3.30
C ILE A 64 4.75 -17.53 -2.40
N MET A 65 5.39 -16.78 -1.51
CA MET A 65 6.37 -17.35 -0.60
C MET A 65 6.42 -16.60 0.73
N GLU A 66 7.21 -17.09 1.66
CA GLU A 66 7.55 -16.50 2.89
C GLU A 66 8.61 -15.60 2.76
N LYS A 67 8.43 -14.36 3.23
CA LYS A 67 9.47 -13.34 3.08
C LYS A 67 10.61 -13.61 4.03
N ALA A 68 11.80 -13.77 3.50
CA ALA A 68 12.97 -14.06 4.34
C ALA A 68 13.15 -12.95 5.36
N GLY A 69 13.41 -13.34 6.61
CA GLY A 69 13.63 -12.38 7.67
C GLY A 69 12.36 -11.86 8.35
N GLN A 70 11.22 -12.06 7.71
CA GLN A 70 9.96 -11.60 8.26
C GLN A 70 8.93 -12.71 8.29
N PRO A 71 9.11 -13.65 9.24
CA PRO A 71 8.22 -14.79 9.41
C PRO A 71 6.78 -14.36 9.45
N ASN A 72 5.92 -15.18 8.87
CA ASN A 72 4.48 -14.93 8.84
C ASN A 72 4.09 -13.76 7.95
N THR A 73 4.98 -13.40 7.02
CA THR A 73 4.73 -12.34 6.03
C THR A 73 4.99 -12.97 4.68
N TYR A 74 4.24 -12.58 3.66
CA TYR A 74 4.40 -13.19 2.34
C TYR A 74 4.72 -12.26 1.20
N VAL A 75 5.34 -12.82 0.17
CA VAL A 75 5.70 -12.07 -1.01
C VAL A 75 5.13 -12.72 -2.27
N TYR A 76 4.37 -11.95 -3.03
CA TYR A 76 3.82 -12.43 -4.29
C TYR A 76 4.87 -12.02 -5.31
N VAL A 77 5.43 -12.98 -6.01
CA VAL A 77 6.47 -12.72 -6.99
C VAL A 77 6.18 -13.26 -8.39
N VAL A 78 6.57 -12.49 -9.41
CA VAL A 78 6.45 -12.86 -10.79
C VAL A 78 7.71 -12.35 -11.46
N ASP A 79 8.58 -13.27 -11.83
CA ASP A 79 9.84 -12.87 -12.45
C ASP A 79 10.28 -13.60 -13.71
N ASN A 80 9.75 -14.79 -14.00
CA ASN A 80 10.20 -15.46 -15.23
C ASN A 80 9.72 -14.65 -16.42
N PHE A 81 10.49 -14.71 -17.51
CA PHE A 81 10.19 -13.95 -18.71
C PHE A 81 8.77 -14.07 -19.23
N ASN A 82 8.25 -15.29 -19.27
CA ASN A 82 6.91 -15.50 -19.78
C ASN A 82 5.83 -14.79 -18.97
N GLU A 83 5.85 -14.99 -17.66
CA GLU A 83 4.85 -14.36 -16.81
C GLU A 83 5.03 -12.84 -16.82
N LEU A 84 6.29 -12.41 -16.92
CA LEU A 84 6.61 -10.99 -16.95
C LEU A 84 5.90 -10.28 -18.11
N VAL A 85 5.85 -10.94 -19.27
CA VAL A 85 5.18 -10.38 -20.44
C VAL A 85 3.67 -10.23 -20.16
N LYS A 86 3.08 -11.27 -19.58
CA LYS A 86 1.66 -11.24 -19.25
C LYS A 86 1.39 -10.12 -18.25
N LEU A 87 2.29 -9.99 -17.28
CA LEU A 87 2.16 -8.95 -16.28
C LEU A 87 2.15 -7.63 -17.03
N ILE A 88 3.17 -7.44 -17.88
CA ILE A 88 3.28 -6.22 -18.67
C ILE A 88 2.05 -6.02 -19.55
N ASN A 89 1.61 -7.08 -20.23
CA ASN A 89 0.43 -7.00 -21.09
C ASN A 89 -0.71 -6.42 -20.29
N PHE A 90 -0.87 -6.93 -19.07
CA PHE A 90 -1.93 -6.49 -18.18
C PHE A 90 -1.88 -4.98 -17.87
N LEU A 91 -0.72 -4.51 -17.41
CA LEU A 91 -0.54 -3.11 -17.03
C LEU A 91 -0.61 -2.08 -18.16
N ASN A 92 -0.18 -2.46 -19.36
CA ASN A 92 -0.23 -1.53 -20.49
C ASN A 92 -1.67 -0.99 -20.64
N LYS A 93 -2.63 -1.87 -20.34
CA LYS A 93 -4.05 -1.53 -20.43
C LYS A 93 -4.48 -0.32 -19.60
N TYR A 94 -3.85 -0.12 -18.45
CA TYR A 94 -4.23 0.99 -17.60
C TYR A 94 -3.08 1.91 -17.27
N ALA A 95 -1.92 1.61 -17.85
CA ALA A 95 -0.72 2.40 -17.63
C ALA A 95 -1.04 3.89 -17.57
N ASP A 96 -1.95 4.34 -18.43
CA ASP A 96 -2.28 5.76 -18.44
C ASP A 96 -2.79 6.31 -17.12
N PHE A 97 -3.62 5.55 -16.40
CA PHE A 97 -4.09 6.09 -15.13
C PHE A 97 -3.08 5.87 -14.00
N MET A 98 -2.05 5.06 -14.26
CA MET A 98 -1.01 4.83 -13.26
C MET A 98 -0.43 6.18 -12.82
N ILE A 99 -0.60 6.50 -11.55
CA ILE A 99 -0.13 7.77 -10.99
C ILE A 99 1.16 7.64 -10.19
N VAL A 100 1.10 6.86 -9.11
CA VAL A 100 2.25 6.67 -8.24
C VAL A 100 3.48 6.00 -8.87
N LYS A 101 3.27 4.93 -9.64
CA LYS A 101 4.38 4.19 -10.25
C LYS A 101 4.40 4.09 -11.78
N LYS A 102 3.82 5.06 -12.46
CA LYS A 102 3.80 5.01 -13.92
C LYS A 102 5.20 4.95 -14.50
N ARG A 103 6.05 5.88 -14.07
CA ARG A 103 7.43 5.91 -14.56
C ARG A 103 8.20 4.61 -14.30
N GLN A 104 8.18 4.15 -13.06
CA GLN A 104 8.89 2.91 -12.70
C GLN A 104 8.51 1.81 -13.67
N PHE A 105 7.19 1.58 -13.83
CA PHE A 105 6.70 0.56 -14.74
C PHE A 105 7.28 0.77 -16.13
N LEU A 106 7.04 1.94 -16.71
CA LEU A 106 7.53 2.25 -18.05
C LEU A 106 9.01 1.90 -18.18
N MET A 107 9.79 2.28 -17.18
CA MET A 107 11.21 2.00 -17.23
C MET A 107 11.47 0.52 -17.03
N PHE A 108 10.65 -0.10 -16.18
CA PHE A 108 10.76 -1.54 -15.88
C PHE A 108 10.45 -2.34 -17.15
N ARG A 109 9.35 -1.98 -17.81
CA ARG A 109 8.92 -2.65 -19.03
C ARG A 109 10.01 -2.54 -20.09
N GLU A 110 10.52 -1.34 -20.27
CA GLU A 110 11.58 -1.09 -21.23
C GLU A 110 12.74 -2.07 -21.00
N ILE A 111 13.11 -2.32 -19.75
CA ILE A 111 14.21 -3.23 -19.46
C ILE A 111 13.82 -4.69 -19.66
N ALA A 112 12.65 -5.05 -19.15
CA ALA A 112 12.19 -6.44 -19.29
C ALA A 112 12.10 -6.79 -20.76
N ASN A 113 11.34 -5.99 -21.50
CA ASN A 113 11.17 -6.19 -22.94
C ASN A 113 12.53 -6.25 -23.59
N GLY A 114 13.39 -5.29 -23.23
CA GLY A 114 14.73 -5.26 -23.77
C GLY A 114 15.43 -6.61 -23.65
N LEU A 115 15.30 -7.26 -22.50
CA LEU A 115 15.91 -8.56 -22.28
C LEU A 115 15.10 -9.59 -23.06
N VAL A 116 13.79 -9.37 -23.13
CA VAL A 116 12.90 -10.25 -23.85
C VAL A 116 13.20 -10.18 -25.35
N ASN A 117 14.02 -9.22 -25.76
CA ASN A 117 14.39 -9.09 -27.16
C ASN A 117 15.90 -9.21 -27.28
N GLY A 118 16.51 -9.84 -26.29
CA GLY A 118 17.94 -10.04 -26.29
C GLY A 118 18.81 -8.81 -26.53
N GLU A 119 18.31 -7.63 -26.19
CA GLU A 119 19.10 -6.40 -26.40
C GLU A 119 20.41 -6.48 -25.61
N HIS A 120 20.39 -7.17 -24.48
CA HIS A 120 21.59 -7.29 -23.64
C HIS A 120 22.59 -8.28 -24.21
N LEU A 121 22.29 -8.80 -25.40
CA LEU A 121 23.18 -9.76 -26.02
C LEU A 121 24.39 -9.13 -26.72
N HIS A 122 24.40 -7.80 -26.80
CA HIS A 122 25.55 -7.11 -27.35
C HIS A 122 25.98 -6.05 -26.33
N ILE A 123 27.28 -5.73 -26.31
CA ILE A 123 27.82 -4.76 -25.34
C ILE A 123 26.99 -3.48 -25.16
N ASN A 124 26.86 -2.68 -26.20
CA ASN A 124 26.10 -1.44 -26.12
C ASN A 124 24.68 -1.66 -25.62
N GLY A 125 24.06 -2.75 -26.06
CA GLY A 125 22.70 -3.05 -25.64
C GLY A 125 22.68 -3.27 -24.14
N LEU A 126 23.63 -4.06 -23.66
CA LEU A 126 23.72 -4.35 -22.25
C LEU A 126 23.95 -3.08 -21.43
N LYS A 127 24.91 -2.27 -21.85
CA LYS A 127 25.22 -1.03 -21.14
C LYS A 127 23.98 -0.16 -21.01
N ARG A 128 23.20 -0.10 -22.08
CA ARG A 128 22.00 0.69 -22.08
C ARG A 128 21.00 0.24 -21.01
N LEU A 129 20.70 -1.05 -20.98
CA LEU A 129 19.76 -1.56 -20.00
C LEU A 129 20.30 -1.31 -18.59
N VAL A 130 21.59 -1.57 -18.39
CA VAL A 130 22.21 -1.34 -17.10
C VAL A 130 21.97 0.12 -16.67
N LYS A 131 22.17 1.05 -17.60
CA LYS A 131 21.94 2.46 -17.30
C LYS A 131 20.47 2.67 -16.95
N LEU A 132 19.58 2.08 -17.73
CA LEU A 132 18.15 2.23 -17.43
C LEU A 132 17.81 1.68 -16.05
N ALA A 133 18.57 0.68 -15.59
CA ALA A 133 18.31 0.10 -14.28
C ALA A 133 18.66 1.11 -13.19
N TYR A 134 19.76 1.84 -13.38
CA TYR A 134 20.15 2.83 -12.39
C TYR A 134 19.19 4.01 -12.36
N GLU A 135 18.60 4.35 -13.52
CA GLU A 135 17.63 5.42 -13.61
C GLU A 135 16.43 4.95 -12.79
N LEU A 136 16.05 3.70 -12.98
CA LEU A 136 14.94 3.11 -12.23
C LEU A 136 15.13 3.28 -10.72
N THR A 137 16.33 2.99 -10.23
CA THR A 137 16.61 3.14 -8.81
C THR A 137 16.40 4.59 -8.38
N LYS A 138 16.78 5.52 -9.24
CA LYS A 138 16.61 6.95 -8.93
C LYS A 138 15.15 7.26 -8.69
N GLU A 139 14.27 6.47 -9.31
CA GLU A 139 12.82 6.66 -9.16
C GLU A 139 12.25 6.15 -7.85
N SER A 140 12.94 5.23 -7.18
CA SER A 140 12.40 4.69 -5.93
C SER A 140 13.07 5.28 -4.70
N GLU A 141 12.38 5.17 -3.57
CA GLU A 141 12.90 5.66 -2.30
C GLU A 141 13.64 4.56 -1.55
N LYS A 142 13.13 3.35 -1.64
CA LYS A 142 13.72 2.25 -0.89
C LYS A 142 14.76 1.41 -1.61
N GLY A 143 15.17 1.85 -2.78
CA GLY A 143 16.16 1.10 -3.53
C GLY A 143 17.58 1.56 -3.28
N TYR A 144 18.53 0.75 -3.69
CA TYR A 144 19.94 1.07 -3.52
C TYR A 144 20.76 0.28 -4.56
N ARG A 145 22.07 0.47 -4.56
CA ARG A 145 22.93 -0.26 -5.48
C ARG A 145 24.21 -0.55 -4.72
N LYS A 146 24.74 -1.75 -4.88
CA LYS A 146 25.95 -2.14 -4.20
C LYS A 146 27.13 -1.40 -4.79
N TYR A 147 27.15 -1.29 -6.10
CA TYR A 147 28.24 -0.62 -6.79
C TYR A 147 27.68 0.53 -7.60
N ASP A 148 28.50 1.54 -7.90
CA ASP A 148 27.99 2.65 -8.68
C ASP A 148 27.99 2.24 -10.15
N LEU A 149 27.26 2.99 -10.97
CA LEU A 149 27.15 2.72 -12.39
C LEU A 149 28.49 2.53 -13.12
N ASN A 150 29.41 3.49 -12.98
CA ASN A 150 30.68 3.38 -13.67
C ASN A 150 31.42 2.09 -13.35
N HIS A 151 31.33 1.66 -12.10
CA HIS A 151 31.98 0.42 -11.71
C HIS A 151 31.43 -0.76 -12.51
N VAL A 152 30.10 -0.82 -12.62
CA VAL A 152 29.44 -1.89 -13.35
C VAL A 152 29.83 -1.84 -14.82
N LEU A 153 29.80 -0.63 -15.37
CA LEU A 153 30.15 -0.43 -16.76
C LEU A 153 31.60 -0.86 -17.01
N SER A 154 32.50 -0.60 -16.06
CA SER A 154 33.90 -0.95 -16.25
C SER A 154 34.12 -2.45 -16.17
N ILE A 155 33.16 -3.18 -15.63
CA ILE A 155 33.26 -4.62 -15.56
C ILE A 155 32.83 -5.14 -16.92
N ILE A 156 31.79 -4.53 -17.49
CA ILE A 156 31.34 -4.94 -18.80
C ILE A 156 32.48 -4.75 -19.81
N ASP A 157 33.22 -3.65 -19.68
CA ASP A 157 34.33 -3.38 -20.59
C ASP A 157 35.45 -4.39 -20.40
N LYS A 158 35.74 -4.75 -19.15
CA LYS A 158 36.79 -5.72 -18.86
C LYS A 158 36.48 -7.02 -19.57
N TRP A 159 35.24 -7.47 -19.47
CA TRP A 159 34.80 -8.71 -20.08
C TRP A 159 34.94 -8.67 -21.59
N ASP A 160 34.59 -7.52 -22.18
CA ASP A 160 34.66 -7.35 -23.62
C ASP A 160 36.08 -7.59 -24.12
N LEU A 161 37.06 -7.10 -23.37
CA LEU A 161 38.45 -7.30 -23.75
C LEU A 161 38.80 -8.78 -23.82
N GLY A 162 37.88 -9.61 -23.35
CA GLY A 162 38.10 -11.05 -23.38
C GLY A 162 37.39 -11.62 -24.60
N GLU B 4 -13.70 3.49 -17.14
CA GLU B 4 -14.87 3.25 -16.24
C GLU B 4 -14.67 3.84 -14.85
N GLU B 5 -15.70 4.52 -14.36
CA GLU B 5 -15.70 5.12 -13.04
C GLU B 5 -15.67 3.98 -12.00
N ASP B 6 -16.14 2.80 -12.41
CA ASP B 6 -16.15 1.64 -11.54
C ASP B 6 -14.71 1.17 -11.30
N PHE B 7 -13.94 1.14 -12.38
CA PHE B 7 -12.53 0.75 -12.33
C PHE B 7 -11.81 1.68 -11.37
N LYS B 8 -12.11 2.97 -11.47
CA LYS B 8 -11.51 3.97 -10.62
C LYS B 8 -11.91 3.70 -9.16
N GLU B 9 -13.13 3.22 -8.94
CA GLU B 9 -13.58 2.93 -7.59
C GLU B 9 -12.83 1.71 -7.05
N GLY B 10 -12.39 0.83 -7.95
CA GLY B 10 -11.66 -0.35 -7.53
C GLY B 10 -10.22 0.02 -7.21
N TYR B 11 -9.74 1.06 -7.87
CA TYR B 11 -8.38 1.53 -7.67
C TYR B 11 -8.27 2.03 -6.24
N ILE B 12 -9.26 2.81 -5.82
CA ILE B 12 -9.31 3.38 -4.48
C ILE B 12 -9.40 2.27 -3.43
N LEU B 13 -10.44 1.46 -3.51
CA LEU B 13 -10.61 0.35 -2.56
C LEU B 13 -9.32 -0.48 -2.47
N GLY B 14 -8.69 -0.74 -3.62
CA GLY B 14 -7.46 -1.51 -3.59
C GLY B 14 -6.37 -0.72 -2.87
N PHE B 15 -6.30 0.58 -3.16
CA PHE B 15 -5.30 1.44 -2.53
C PHE B 15 -5.53 1.48 -1.04
N ILE B 16 -6.80 1.53 -0.63
CA ILE B 16 -7.12 1.62 0.78
C ILE B 16 -6.73 0.35 1.52
N GLU B 17 -6.95 -0.79 0.88
CA GLU B 17 -6.60 -2.04 1.50
C GLU B 17 -5.09 -2.09 1.77
N ALA B 18 -4.30 -1.60 0.82
CA ALA B 18 -2.85 -1.64 0.96
C ALA B 18 -2.27 -0.66 1.97
N GLU B 19 -2.61 0.61 1.82
CA GLU B 19 -2.06 1.64 2.67
C GLU B 19 -3.07 2.56 3.36
N GLY B 20 -4.32 2.11 3.48
CA GLY B 20 -5.33 2.92 4.14
C GLY B 20 -5.27 2.72 5.66
N SER B 21 -5.86 3.63 6.42
CA SER B 21 -5.81 3.51 7.87
C SER B 21 -7.09 3.87 8.61
N PHE B 22 -7.62 2.91 9.35
CA PHE B 22 -8.82 3.10 10.16
C PHE B 22 -8.40 3.14 11.62
N SER B 23 -8.53 4.31 12.24
CA SER B 23 -8.10 4.45 13.60
C SER B 23 -9.08 5.18 14.51
N VAL B 24 -9.13 4.76 15.76
CA VAL B 24 -10.01 5.39 16.72
C VAL B 24 -9.20 5.65 17.98
N SER B 25 -8.82 6.91 18.16
CA SER B 25 -8.04 7.31 19.31
C SER B 25 -8.87 7.55 20.55
N ILE B 26 -8.24 7.39 21.70
CA ILE B 26 -8.88 7.64 22.97
C ILE B 26 -8.13 8.86 23.51
N LYS B 27 -8.88 9.88 23.90
CA LYS B 27 -8.28 11.09 24.41
C LYS B 27 -8.96 11.44 25.70
N PHE B 28 -8.18 11.57 26.76
CA PHE B 28 -8.72 11.89 28.06
C PHE B 28 -8.94 13.39 28.20
N GLN B 29 -10.21 13.78 28.13
CA GLN B 29 -10.59 15.17 28.23
C GLN B 29 -11.55 15.27 29.41
N ARG B 30 -11.08 15.90 30.48
CA ARG B 30 -11.83 16.05 31.72
C ARG B 30 -13.23 16.67 31.63
N ASP B 31 -13.50 17.45 30.60
CA ASP B 31 -14.81 18.10 30.48
C ASP B 31 -15.79 17.41 29.53
N VAL B 32 -15.46 16.19 29.12
CA VAL B 32 -16.30 15.44 28.20
C VAL B 32 -17.09 14.40 29.00
N PHE B 33 -18.20 13.90 28.42
CA PHE B 33 -19.01 12.90 29.11
C PHE B 33 -18.21 11.60 29.27
N GLY B 34 -18.05 11.15 30.51
CA GLY B 34 -17.28 9.94 30.75
C GLY B 34 -15.80 10.21 30.96
N GLY B 35 -15.38 11.45 30.72
CA GLY B 35 -13.98 11.82 30.90
C GLY B 35 -13.08 11.21 29.84
N VAL B 36 -13.70 10.55 28.88
CA VAL B 36 -12.97 9.91 27.81
C VAL B 36 -13.63 10.16 26.49
N ARG B 37 -12.82 10.52 25.50
CA ARG B 37 -13.33 10.78 24.16
C ARG B 37 -12.76 9.76 23.20
N LEU B 38 -13.54 9.37 22.21
CA LEU B 38 -13.08 8.45 21.19
C LEU B 38 -13.02 9.30 19.93
N ASP B 39 -11.91 9.24 19.21
CA ASP B 39 -11.75 10.04 18.02
C ASP B 39 -11.39 9.22 16.81
N PRO B 40 -12.37 9.03 15.91
CA PRO B 40 -12.22 8.27 14.66
C PRO B 40 -11.49 9.04 13.58
N VAL B 41 -10.54 8.38 12.94
CA VAL B 41 -9.75 9.01 11.90
C VAL B 41 -9.39 8.02 10.81
N PHE B 42 -9.81 8.30 9.57
CA PHE B 42 -9.43 7.45 8.45
C PHE B 42 -8.37 8.25 7.72
N SER B 43 -7.31 7.60 7.28
CA SER B 43 -6.27 8.32 6.58
C SER B 43 -5.40 7.43 5.71
N ILE B 44 -4.74 8.07 4.75
CA ILE B 44 -3.85 7.40 3.82
C ILE B 44 -2.61 8.30 3.73
N THR B 45 -1.44 7.72 3.97
CA THR B 45 -0.20 8.47 3.90
C THR B 45 0.41 8.12 2.55
N GLN B 46 1.17 9.05 1.97
CA GLN B 46 1.79 8.80 0.67
C GLN B 46 2.79 9.89 0.34
N LYS B 47 3.92 9.51 -0.24
CA LYS B 47 4.93 10.48 -0.64
C LYS B 47 4.36 11.27 -1.82
N ASN B 48 3.83 10.53 -2.79
CA ASN B 48 3.24 11.09 -3.98
C ASN B 48 1.93 11.80 -3.63
N ARG B 49 2.00 13.11 -3.39
CA ARG B 49 0.81 13.88 -3.03
C ARG B 49 -0.28 13.77 -4.08
N GLU B 50 0.14 13.60 -5.33
CA GLU B 50 -0.79 13.50 -6.44
C GLU B 50 -1.94 12.54 -6.20
N VAL B 51 -1.61 11.26 -6.01
CA VAL B 51 -2.64 10.24 -5.83
C VAL B 51 -3.63 10.60 -4.72
N LEU B 52 -3.16 11.29 -3.69
CA LEU B 52 -4.06 11.70 -2.61
C LEU B 52 -5.01 12.78 -3.13
N GLU B 53 -4.53 13.62 -4.03
CA GLU B 53 -5.35 14.69 -4.59
C GLU B 53 -6.53 14.10 -5.37
N ALA B 54 -6.25 13.05 -6.14
CA ALA B 54 -7.29 12.40 -6.92
C ALA B 54 -8.35 11.89 -5.94
N ILE B 55 -7.98 10.88 -5.18
CA ILE B 55 -8.90 10.29 -4.20
C ILE B 55 -9.71 11.36 -3.49
N LYS B 56 -9.06 12.42 -3.02
CA LYS B 56 -9.78 13.50 -2.34
C LYS B 56 -10.80 14.14 -3.26
N GLU B 57 -10.40 14.37 -4.50
CA GLU B 57 -11.28 15.00 -5.48
C GLU B 57 -12.36 14.03 -5.95
N HIS B 58 -12.11 12.74 -5.82
CA HIS B 58 -13.11 11.76 -6.24
C HIS B 58 -14.13 11.44 -5.15
N LEU B 59 -13.70 11.50 -3.89
CA LEU B 59 -14.60 11.21 -2.80
C LEU B 59 -15.27 12.49 -2.33
N GLY B 60 -14.88 13.61 -2.92
CA GLY B 60 -15.47 14.87 -2.54
C GLY B 60 -15.39 15.15 -1.07
N ILE B 61 -14.45 14.49 -0.39
CA ILE B 61 -14.28 14.69 1.05
C ILE B 61 -12.82 14.52 1.45
N GLY B 62 -12.53 14.92 2.68
CA GLY B 62 -11.19 14.78 3.20
C GLY B 62 -10.31 15.98 2.92
N ARG B 63 -9.13 15.96 3.51
CA ARG B 63 -8.17 17.03 3.31
C ARG B 63 -6.78 16.40 3.20
N ILE B 64 -5.81 17.19 2.75
CA ILE B 64 -4.45 16.74 2.60
C ILE B 64 -3.51 17.64 3.40
N MET B 65 -2.49 17.04 4.02
CA MET B 65 -1.55 17.80 4.82
C MET B 65 -0.13 17.22 4.76
N GLU B 66 0.89 17.85 5.10
CA GLU B 66 2.10 17.22 5.24
C GLU B 66 2.09 16.49 6.46
N LYS B 67 2.80 15.39 6.51
CA LYS B 67 2.91 14.46 7.63
C LYS B 67 3.96 14.94 8.60
N ALA B 68 3.57 15.14 9.85
CA ALA B 68 4.51 15.60 10.86
C ALA B 68 5.64 14.61 11.06
N GLY B 69 6.88 15.14 11.09
CA GLY B 69 8.05 14.32 11.27
C GLY B 69 8.59 13.71 9.98
N GLN B 70 7.83 13.82 8.91
CA GLN B 70 8.24 13.26 7.64
C GLN B 70 8.04 14.26 6.52
N PRO B 71 8.87 15.31 6.53
CA PRO B 71 8.83 16.37 5.53
C PRO B 71 8.75 15.81 4.15
N ASN B 72 7.91 16.45 3.33
CA ASN B 72 7.73 16.07 1.95
C ASN B 72 6.99 14.75 1.75
N THR B 73 6.17 14.39 2.73
CA THR B 73 5.33 13.19 2.69
C THR B 73 3.94 13.68 3.06
N TYR B 74 2.89 13.15 2.45
CA TYR B 74 1.55 13.62 2.74
C TYR B 74 0.57 12.62 3.32
N VAL B 75 -0.45 13.16 3.98
CA VAL B 75 -1.49 12.35 4.59
C VAL B 75 -2.87 12.84 4.18
N TYR B 76 -3.67 11.93 3.62
CA TYR B 76 -5.04 12.25 3.25
C TYR B 76 -5.89 11.84 4.45
N VAL B 77 -6.53 12.82 5.08
CA VAL B 77 -7.35 12.58 6.26
C VAL B 77 -8.84 12.96 6.12
N VAL B 78 -9.71 12.07 6.60
CA VAL B 78 -11.15 12.31 6.61
C VAL B 78 -11.59 11.90 8.00
N ASP B 79 -11.88 12.88 8.84
CA ASP B 79 -12.30 12.57 10.19
C ASP B 79 -13.57 13.22 10.72
N ASN B 80 -14.09 14.30 10.11
CA ASN B 80 -15.31 14.86 10.70
C ASN B 80 -16.48 13.90 10.51
N PHE B 81 -17.46 13.99 11.39
CA PHE B 81 -18.59 13.06 11.33
C PHE B 81 -19.29 13.04 10.00
N ASN B 82 -19.48 14.23 9.43
CA ASN B 82 -20.14 14.38 8.15
C ASN B 82 -19.42 13.59 7.07
N GLU B 83 -18.16 13.91 6.83
CA GLU B 83 -17.40 13.23 5.81
C GLU B 83 -17.23 11.75 6.12
N LEU B 84 -17.10 11.43 7.42
CA LEU B 84 -16.96 10.04 7.85
C LEU B 84 -18.12 9.19 7.36
N VAL B 85 -19.34 9.74 7.42
CA VAL B 85 -20.53 9.02 6.96
C VAL B 85 -20.44 8.75 5.46
N LYS B 86 -20.06 9.77 4.70
CA LYS B 86 -19.93 9.63 3.24
C LYS B 86 -18.87 8.59 2.94
N LEU B 87 -17.79 8.62 3.72
CA LEU B 87 -16.70 7.67 3.55
C LEU B 87 -17.30 6.28 3.75
N ILE B 88 -17.97 6.10 4.88
CA ILE B 88 -18.59 4.82 5.21
C ILE B 88 -19.61 4.42 4.15
N ASN B 89 -20.45 5.36 3.74
CA ASN B 89 -21.47 5.08 2.72
C ASN B 89 -20.78 4.48 1.50
N PHE B 90 -19.65 5.06 1.15
CA PHE B 90 -18.87 4.60 0.02
C PHE B 90 -18.41 3.15 0.19
N LEU B 91 -17.67 2.90 1.27
CA LEU B 91 -17.13 1.56 1.53
C LEU B 91 -18.16 0.45 1.73
N ASN B 92 -19.33 0.77 2.28
CA ASN B 92 -20.36 -0.26 2.46
C ASN B 92 -20.69 -0.93 1.13
N LYS B 93 -20.61 -0.15 0.05
CA LYS B 93 -20.89 -0.63 -1.29
C LYS B 93 -20.05 -1.83 -1.66
N TYR B 94 -18.74 -1.73 -1.45
CA TYR B 94 -17.83 -2.81 -1.82
C TYR B 94 -17.30 -3.53 -0.61
N ALA B 95 -17.79 -3.14 0.55
CA ALA B 95 -17.37 -3.73 1.81
C ALA B 95 -17.34 -5.24 1.70
N ASP B 96 -18.19 -5.78 0.84
CA ASP B 96 -18.26 -7.22 0.66
C ASP B 96 -16.99 -7.83 0.10
N PHE B 97 -16.31 -7.13 -0.81
CA PHE B 97 -15.07 -7.68 -1.38
C PHE B 97 -13.81 -7.34 -0.58
N MET B 98 -13.92 -6.48 0.43
CA MET B 98 -12.76 -6.13 1.25
C MET B 98 -12.12 -7.38 1.85
N ILE B 99 -10.84 -7.57 1.57
CA ILE B 99 -10.09 -8.71 2.05
C ILE B 99 -9.14 -8.38 3.20
N VAL B 100 -8.15 -7.54 2.92
CA VAL B 100 -7.16 -7.16 3.92
C VAL B 100 -7.70 -6.43 5.15
N LYS B 101 -8.55 -5.42 4.94
CA LYS B 101 -9.08 -4.63 6.05
C LYS B 101 -10.59 -4.69 6.32
N LYS B 102 -11.26 -5.71 5.81
CA LYS B 102 -12.71 -5.84 6.01
C LYS B 102 -13.12 -5.70 7.47
N ARG B 103 -12.46 -6.45 8.35
CA ARG B 103 -12.78 -6.39 9.77
C ARG B 103 -12.53 -5.02 10.39
N GLN B 104 -11.37 -4.43 10.13
CA GLN B 104 -11.05 -3.11 10.68
C GLN B 104 -12.16 -2.14 10.36
N PHE B 105 -12.55 -2.08 9.08
CA PHE B 105 -13.61 -1.20 8.64
C PHE B 105 -14.91 -1.47 9.40
N LEU B 106 -15.35 -2.72 9.38
CA LEU B 106 -16.58 -3.11 10.07
C LEU B 106 -16.55 -2.63 11.50
N MET B 107 -15.42 -2.84 12.17
CA MET B 107 -15.30 -2.43 13.55
C MET B 107 -15.24 -0.91 13.66
N PHE B 108 -14.59 -0.29 12.68
CA PHE B 108 -14.42 1.16 12.62
C PHE B 108 -15.80 1.81 12.44
N ARG B 109 -16.56 1.29 11.48
CA ARG B 109 -17.90 1.79 11.16
C ARG B 109 -18.80 1.71 12.40
N GLU B 110 -18.78 0.56 13.05
CA GLU B 110 -19.56 0.35 14.25
C GLU B 110 -19.29 1.46 15.27
N ILE B 111 -18.03 1.85 15.42
CA ILE B 111 -17.70 2.90 16.38
C ILE B 111 -18.11 4.27 15.85
N ALA B 112 -17.75 4.57 14.61
CA ALA B 112 -18.09 5.86 14.01
C ALA B 112 -19.60 6.08 14.12
N ASN B 113 -20.35 5.11 13.62
CA ASN B 113 -21.81 5.16 13.66
C ASN B 113 -22.30 5.32 15.09
N GLY B 114 -21.74 4.51 15.98
CA GLY B 114 -22.13 4.58 17.38
C GLY B 114 -22.06 6.00 17.92
N LEU B 115 -21.00 6.71 17.57
CA LEU B 115 -20.81 8.09 18.03
C LEU B 115 -21.78 9.00 17.28
N VAL B 116 -22.01 8.68 16.01
CA VAL B 116 -22.92 9.47 15.21
C VAL B 116 -24.32 9.44 15.84
N ASN B 117 -24.70 8.29 16.39
CA ASN B 117 -26.00 8.14 17.03
C ASN B 117 -25.89 8.43 18.52
N GLY B 118 -24.82 9.11 18.90
CA GLY B 118 -24.65 9.46 20.30
C GLY B 118 -24.66 8.34 21.32
N GLU B 119 -24.31 7.13 20.91
CA GLU B 119 -24.31 5.99 21.83
C GLU B 119 -23.37 6.26 23.01
N HIS B 120 -22.29 6.98 22.76
CA HIS B 120 -21.31 7.28 23.79
C HIS B 120 -21.80 8.31 24.79
N LEU B 121 -23.07 8.68 24.66
CA LEU B 121 -23.65 9.68 25.54
C LEU B 121 -24.14 9.11 26.88
N HIS B 122 -24.14 7.79 27.01
CA HIS B 122 -24.49 7.16 28.27
C HIS B 122 -23.33 6.24 28.67
N ILE B 123 -23.08 6.11 29.96
CA ILE B 123 -21.96 5.29 30.45
C ILE B 123 -21.75 3.97 29.72
N ASN B 124 -22.68 3.03 29.88
CA ASN B 124 -22.56 1.74 29.24
C ASN B 124 -22.28 1.85 27.74
N GLY B 125 -22.91 2.83 27.10
CA GLY B 125 -22.72 3.01 25.68
C GLY B 125 -21.27 3.38 25.40
N LEU B 126 -20.76 4.32 26.19
CA LEU B 126 -19.40 4.77 26.02
C LEU B 126 -18.44 3.60 26.27
N LYS B 127 -18.69 2.84 27.34
CA LYS B 127 -17.84 1.71 27.67
C LYS B 127 -17.75 0.72 26.50
N ARG B 128 -18.89 0.43 25.88
CA ARG B 128 -18.90 -0.50 24.78
C ARG B 128 -18.03 -0.04 23.61
N LEU B 129 -18.19 1.22 23.20
CA LEU B 129 -17.41 1.74 22.09
C LEU B 129 -15.91 1.70 22.41
N VAL B 130 -15.55 2.07 23.65
CA VAL B 130 -14.16 2.03 24.07
C VAL B 130 -13.62 0.60 23.91
N LYS B 131 -14.42 -0.38 24.31
CA LYS B 131 -14.01 -1.78 24.19
C LYS B 131 -13.84 -2.14 22.72
N LEU B 132 -14.77 -1.72 21.88
CA LEU B 132 -14.67 -2.01 20.46
C LEU B 132 -13.42 -1.39 19.86
N ALA B 133 -12.94 -0.30 20.47
CA ALA B 133 -11.75 0.39 19.98
C ALA B 133 -10.53 -0.47 20.26
N TYR B 134 -10.49 -1.10 21.43
CA TYR B 134 -9.35 -1.94 21.76
C TYR B 134 -9.35 -3.21 20.92
N GLU B 135 -10.54 -3.65 20.52
CA GLU B 135 -10.68 -4.83 19.65
C GLU B 135 -10.07 -4.40 18.33
N LEU B 136 -10.37 -3.17 17.91
CA LEU B 136 -9.83 -2.64 16.66
C LEU B 136 -8.30 -2.66 16.68
N THR B 137 -7.70 -2.20 17.76
CA THR B 137 -6.25 -2.20 17.88
C THR B 137 -5.70 -3.62 17.76
N LYS B 138 -6.43 -4.60 18.32
CA LYS B 138 -6.02 -6.00 18.26
C LYS B 138 -5.94 -6.47 16.81
N GLU B 139 -6.77 -5.88 15.95
CA GLU B 139 -6.79 -6.24 14.53
C GLU B 139 -5.62 -5.60 13.79
N SER B 140 -5.02 -4.59 14.39
CA SER B 140 -3.92 -3.88 13.75
C SER B 140 -2.53 -4.38 14.12
N GLU B 141 -1.58 -4.13 13.25
CA GLU B 141 -0.20 -4.54 13.49
C GLU B 141 0.60 -3.36 14.02
N LYS B 142 0.31 -2.17 13.51
CA LYS B 142 1.07 -0.99 13.89
C LYS B 142 0.42 -0.10 14.93
N GLY B 143 -0.67 -0.56 15.52
CA GLY B 143 -1.34 0.25 16.53
C GLY B 143 -0.83 -0.01 17.92
N TYR B 144 -1.21 0.85 18.85
CA TYR B 144 -0.80 0.72 20.23
C TYR B 144 -1.76 1.55 21.08
N ARG B 145 -1.73 1.33 22.40
CA ARG B 145 -2.56 2.09 23.32
C ARG B 145 -1.64 2.58 24.43
N LYS B 146 -1.86 3.80 24.89
CA LYS B 146 -1.03 4.37 25.94
C LYS B 146 -1.37 3.73 27.29
N TYR B 147 -2.66 3.50 27.49
CA TYR B 147 -3.14 2.91 28.74
C TYR B 147 -3.89 1.64 28.39
N ASP B 148 -3.99 0.70 29.32
CA ASP B 148 -4.72 -0.51 29.00
C ASP B 148 -6.22 -0.23 29.15
N LEU B 149 -7.04 -1.15 28.64
CA LEU B 149 -8.47 -0.99 28.70
C LEU B 149 -9.05 -0.76 30.11
N ASN B 150 -8.72 -1.61 31.07
CA ASN B 150 -9.26 -1.46 32.42
C ASN B 150 -9.00 -0.09 33.00
N HIS B 151 -7.83 0.46 32.69
CA HIS B 151 -7.50 1.79 33.18
C HIS B 151 -8.46 2.82 32.60
N VAL B 152 -8.73 2.73 31.30
CA VAL B 152 -9.63 3.69 30.65
C VAL B 152 -11.02 3.53 31.25
N LEU B 153 -11.44 2.29 31.43
CA LEU B 153 -12.73 2.01 31.98
C LEU B 153 -12.84 2.54 33.42
N SER B 154 -11.73 2.57 34.16
CA SER B 154 -11.80 3.03 35.55
C SER B 154 -11.86 4.55 35.63
N ILE B 155 -11.51 5.20 34.53
CA ILE B 155 -11.55 6.65 34.47
C ILE B 155 -13.01 7.00 34.21
N ILE B 156 -13.65 6.20 33.37
CA ILE B 156 -15.05 6.43 33.08
C ILE B 156 -15.84 6.25 34.38
N ASP B 157 -15.54 5.18 35.13
CA ASP B 157 -16.25 4.96 36.38
C ASP B 157 -16.01 6.10 37.37
N LYS B 158 -14.77 6.58 37.45
CA LYS B 158 -14.45 7.68 38.35
C LYS B 158 -15.36 8.88 38.04
N TRP B 159 -15.42 9.23 36.76
CA TRP B 159 -16.22 10.36 36.30
C TRP B 159 -17.71 10.18 36.57
N ASP B 160 -18.18 8.94 36.54
CA ASP B 160 -19.58 8.66 36.78
C ASP B 160 -19.96 8.94 38.22
N LEU B 161 -19.01 8.77 39.13
CA LEU B 161 -19.27 9.04 40.54
C LEU B 161 -19.49 10.53 40.78
N GLY B 162 -18.86 11.34 39.95
CA GLY B 162 -19.02 12.78 40.07
C GLY B 162 -20.35 13.23 39.50
#